data_3PTF
#
_entry.id   3PTF
#
_cell.length_a   27.462
_cell.length_b   102.903
_cell.length_c   159.806
_cell.angle_alpha   90.00
_cell.angle_beta   90.00
_cell.angle_gamma   90.00
#
_symmetry.space_group_name_H-M   'P 21 21 21'
#
loop_
_entity.id
_entity.type
_entity.pdbx_description
1 polymer 'Ubiquitin-conjugating enzyme E2 D1'
2 polymer Polyubiquitin-B
3 water water
#
loop_
_entity_poly.entity_id
_entity_poly.type
_entity_poly.pdbx_seq_one_letter_code
_entity_poly.pdbx_strand_id
1 'polypeptide(L)'
;GSHMLEMALKRIQKELSDLQRDPPAHCSAGPVGDDLFHWQATIMGPPDSAYQGGVFFLTVHFPTDYPFKPPKIAFTTKIY
HPNINSNGSICLDILRSQWSPALTVSKVLLSICSLLCDPNPDDPLVPDIAQIYKSDKEKYNRHAREWTQKYAM
;
A,B
2 'polypeptide(L)' GSHMQIFVKTLTGKTITLEVEPSDTIENVKAKIQDKEGIPPDQQRLIFAGKQLEDGRTLSDYNIQKESTLHLVLRLRGG C,D
#
# COMPACT_ATOMS: atom_id res chain seq x y z
N GLY A 1 12.80 1.09 49.23
CA GLY A 1 13.66 0.09 48.51
C GLY A 1 12.88 -1.18 48.18
N SER A 2 13.44 -2.33 48.56
CA SER A 2 12.89 -3.64 48.21
C SER A 2 11.41 -3.60 47.85
N HIS A 3 10.54 -3.29 48.80
CA HIS A 3 9.11 -3.35 48.52
C HIS A 3 8.65 -2.30 47.51
N MET A 4 9.14 -1.07 47.63
CA MET A 4 8.80 0.01 46.69
C MET A 4 9.12 -0.39 45.24
N LEU A 5 10.32 -0.87 45.00
CA LEU A 5 10.74 -1.21 43.65
C LEU A 5 10.21 -2.55 43.16
N GLU A 6 9.79 -3.42 44.09
CA GLU A 6 9.08 -4.65 43.71
C GLU A 6 7.71 -4.32 43.15
N MET A 7 7.00 -3.40 43.79
CA MET A 7 5.68 -3.00 43.32
C MET A 7 5.78 -2.34 41.94
N ALA A 8 6.75 -1.44 41.78
CA ALA A 8 7.01 -0.81 40.48
C ALA A 8 7.35 -1.84 39.41
N LEU A 9 8.23 -2.78 39.73
CA LEU A 9 8.62 -3.84 38.81
C LEU A 9 7.47 -4.79 38.46
N LYS A 10 6.61 -5.08 39.43
CA LYS A 10 5.40 -5.85 39.18
C LYS A 10 4.49 -5.11 38.18
N ARG A 11 4.38 -3.80 38.37
CA ARG A 11 3.52 -2.94 37.57
C ARG A 11 4.06 -2.71 36.15
N ILE A 12 5.37 -2.48 36.04
CA ILE A 12 5.99 -2.33 34.73
C ILE A 12 5.80 -3.62 33.95
N GLN A 13 6.03 -4.74 34.62
CA GLN A 13 5.84 -6.08 34.01
C GLN A 13 4.42 -6.30 33.51
N LYS A 14 3.45 -5.86 34.30
CA LYS A 14 2.05 -5.99 33.92
C LYS A 14 1.74 -5.15 32.68
N GLU A 15 2.27 -3.93 32.60
CA GLU A 15 2.09 -3.08 31.40
C GLU A 15 2.74 -3.71 30.16
N LEU A 16 3.95 -4.24 30.32
CA LEU A 16 4.64 -4.92 29.22
C LEU A 16 3.89 -6.15 28.76
N SER A 17 3.44 -6.95 29.73
CA SER A 17 2.65 -8.15 29.44
C SER A 17 1.37 -7.80 28.66
N ASP A 18 0.73 -6.70 29.03
CA ASP A 18 -0.47 -6.25 28.33
C ASP A 18 -0.18 -5.80 26.88
N LEU A 19 0.98 -5.17 26.66
CA LEU A 19 1.38 -4.75 25.31
C LEU A 19 1.63 -5.97 24.40
N GLN A 20 2.16 -7.04 24.97
CA GLN A 20 2.45 -8.25 24.20
C GLN A 20 1.15 -9.01 23.87
N ARG A 21 0.23 -9.08 24.80
CA ARG A 21 -1.07 -9.76 24.57
C ARG A 21 -1.98 -8.98 23.63
N ASP A 22 -1.88 -7.65 23.66
CA ASP A 22 -2.81 -6.81 22.91
C ASP A 22 -2.09 -5.58 22.31
N PRO A 23 -1.26 -5.82 21.29
CA PRO A 23 -0.43 -4.75 20.74
C PRO A 23 -1.26 -3.60 20.16
N PRO A 24 -0.91 -2.36 20.53
CA PRO A 24 -1.63 -1.17 20.09
C PRO A 24 -1.11 -0.62 18.77
N ALA A 25 -1.99 0.08 18.06
CA ALA A 25 -1.67 0.60 16.73
C ALA A 25 -0.87 1.88 16.76
N HIS A 26 -1.01 2.65 17.83
CA HIS A 26 -0.42 4.00 17.92
C HIS A 26 1.07 4.02 18.33
N CYS A 27 1.56 2.94 18.95
CA CYS A 27 2.94 2.88 19.41
C CYS A 27 3.45 1.46 19.52
N SER A 28 4.76 1.35 19.73
CA SER A 28 5.40 0.12 20.18
C SER A 28 6.45 0.50 21.20
N ALA A 29 6.62 -0.32 22.23
CA ALA A 29 7.51 0.03 23.32
C ALA A 29 7.93 -1.21 24.07
N GLY A 30 9.13 -1.14 24.65
CA GLY A 30 9.64 -2.22 25.46
C GLY A 30 11.01 -1.88 26.03
N PRO A 31 11.50 -2.70 26.96
CA PRO A 31 12.83 -2.51 27.57
C PRO A 31 13.95 -2.39 26.55
N VAL A 32 14.93 -1.54 26.84
CA VAL A 32 16.12 -1.45 26.00
C VAL A 32 16.92 -2.75 26.05
N GLY A 33 17.09 -3.31 27.25
CA GLY A 33 17.81 -4.56 27.41
C GLY A 33 17.43 -5.32 28.66
N ASP A 34 18.35 -5.36 29.63
CA ASP A 34 18.15 -6.09 30.90
C ASP A 34 17.20 -5.35 31.86
N ASP A 35 17.26 -4.03 31.81
CA ASP A 35 16.67 -3.16 32.82
C ASP A 35 15.22 -2.79 32.50
N LEU A 36 14.28 -3.31 33.28
CA LEU A 36 12.86 -3.01 33.09
C LEU A 36 12.48 -1.54 33.34
N PHE A 37 13.37 -0.79 33.99
CA PHE A 37 13.11 0.63 34.28
C PHE A 37 13.44 1.55 33.11
N HIS A 38 14.14 1.03 32.10
CA HIS A 38 14.51 1.81 30.93
C HIS A 38 13.93 1.17 29.67
N TRP A 39 12.96 1.85 29.06
CA TRP A 39 12.38 1.42 27.80
C TRP A 39 12.71 2.37 26.67
N GLN A 40 12.44 1.93 25.45
CA GLN A 40 12.32 2.83 24.31
C GLN A 40 10.96 2.60 23.68
N ALA A 41 10.47 3.62 23.01
CA ALA A 41 9.19 3.50 22.33
C ALA A 41 9.26 4.22 21.01
N THR A 42 8.34 3.87 20.12
CA THR A 42 8.16 4.57 18.87
C THR A 42 6.74 5.08 18.86
N ILE A 43 6.56 6.19 18.16
CA ILE A 43 5.26 6.72 17.85
C ILE A 43 5.22 6.92 16.34
N MET A 44 4.07 6.64 15.74
CA MET A 44 3.88 6.89 14.32
C MET A 44 3.29 8.27 14.16
N GLY A 45 3.78 9.03 13.18
CA GLY A 45 3.15 10.29 12.83
C GLY A 45 1.68 10.00 12.57
N PRO A 46 0.77 10.64 13.33
CA PRO A 46 -0.64 10.44 13.05
C PRO A 46 -1.03 10.86 11.64
N PRO A 47 -1.85 10.04 10.95
CA PRO A 47 -2.18 10.16 9.53
C PRO A 47 -2.67 11.53 9.09
N ASP A 48 -3.53 12.15 9.89
CA ASP A 48 -4.13 13.43 9.51
C ASP A 48 -3.17 14.60 9.68
N SER A 49 -2.17 14.44 10.55
CA SER A 49 -1.27 15.53 10.91
C SER A 49 -0.12 15.75 9.92
N ALA A 50 0.60 16.84 10.13
CA ALA A 50 1.79 17.17 9.34
C ALA A 50 2.97 16.24 9.63
N TYR A 51 2.80 15.29 10.56
CA TYR A 51 3.86 14.35 10.94
C TYR A 51 3.67 12.97 10.29
N GLN A 52 2.62 12.84 9.51
CA GLN A 52 2.30 11.60 8.79
C GLN A 52 3.52 11.03 8.08
N GLY A 53 3.70 9.71 8.19
CA GLY A 53 4.82 8.99 7.56
C GLY A 53 6.03 8.83 8.47
N GLY A 54 6.18 9.74 9.43
CA GLY A 54 7.34 9.74 10.29
C GLY A 54 7.22 8.73 11.41
N VAL A 55 8.38 8.24 11.85
CA VAL A 55 8.47 7.35 12.99
C VAL A 55 9.33 8.07 14.01
N PHE A 56 8.77 8.30 15.20
CA PHE A 56 9.43 9.11 16.23
C PHE A 56 9.80 8.26 17.42
N PHE A 57 11.07 8.35 17.81
CA PHE A 57 11.63 7.52 18.86
C PHE A 57 11.64 8.30 20.17
N LEU A 58 11.29 7.63 21.26
CA LEU A 58 11.33 8.23 22.60
C LEU A 58 12.04 7.29 23.57
N THR A 59 12.51 7.86 24.68
CA THR A 59 13.00 7.08 25.82
C THR A 59 11.99 7.17 26.94
N VAL A 60 11.88 6.10 27.73
CA VAL A 60 11.01 6.08 28.89
C VAL A 60 11.80 5.58 30.11
N HIS A 61 11.77 6.38 31.16
CA HIS A 61 12.54 6.13 32.36
C HIS A 61 11.56 6.09 33.53
N PHE A 62 11.33 4.91 34.09
CA PHE A 62 10.42 4.74 35.21
C PHE A 62 11.12 5.07 36.54
N PRO A 63 10.49 5.90 37.38
CA PRO A 63 11.07 6.13 38.70
C PRO A 63 10.89 4.91 39.60
N THR A 64 11.62 4.90 40.71
CA THR A 64 11.60 3.77 41.64
C THR A 64 10.27 3.65 42.38
N ASP A 65 9.54 4.75 42.51
CA ASP A 65 8.22 4.73 43.14
C ASP A 65 7.07 4.68 42.13
N TYR A 66 7.37 4.27 40.90
CA TYR A 66 6.33 4.07 39.88
C TYR A 66 5.34 3.02 40.38
N PRO A 67 4.03 3.24 40.18
CA PRO A 67 3.38 4.25 39.37
C PRO A 67 2.83 5.45 40.11
N PHE A 68 3.37 5.73 41.29
CA PHE A 68 2.85 6.80 42.13
C PHE A 68 3.44 8.15 41.71
N LYS A 69 4.62 8.11 41.09
CA LYS A 69 5.15 9.24 40.34
C LYS A 69 5.26 8.84 38.87
N PRO A 70 5.26 9.83 37.95
CA PRO A 70 5.23 9.53 36.53
C PRO A 70 6.58 9.10 35.99
N PRO A 71 6.57 8.45 34.82
CA PRO A 71 7.81 8.19 34.12
C PRO A 71 8.35 9.46 33.52
N LYS A 72 9.63 9.43 33.14
CA LYS A 72 10.24 10.51 32.38
C LYS A 72 10.27 10.10 30.93
N ILE A 73 9.56 10.86 30.10
CA ILE A 73 9.47 10.54 28.69
C ILE A 73 10.05 11.71 27.90
N ALA A 74 10.87 11.37 26.92
CA ALA A 74 11.55 12.36 26.08
C ALA A 74 11.73 11.82 24.67
N PHE A 75 11.52 12.68 23.68
CA PHE A 75 11.86 12.36 22.31
C PHE A 75 13.36 12.28 22.12
N THR A 76 13.80 11.32 21.31
CA THR A 76 15.19 11.33 20.85
C THR A 76 15.24 11.86 19.41
N THR A 77 14.21 11.59 18.62
CA THR A 77 14.09 12.15 17.28
C THR A 77 13.75 13.64 17.32
N LYS A 78 14.38 14.42 16.44
CA LYS A 78 14.04 15.84 16.24
C LYS A 78 12.59 16.00 15.76
N ILE A 79 11.86 16.93 16.36
CA ILE A 79 10.47 17.20 15.97
C ILE A 79 10.11 18.69 16.12
N TYR A 80 9.40 19.20 15.13
CA TYR A 80 9.04 20.62 15.06
C TYR A 80 7.67 20.74 15.67
N HIS A 81 7.58 21.34 16.85
CA HIS A 81 6.33 21.38 17.62
C HIS A 81 6.43 22.43 18.73
N PRO A 82 5.31 23.10 19.09
CA PRO A 82 5.41 24.12 20.12
C PRO A 82 5.65 23.59 21.53
N ASN A 83 5.27 22.35 21.80
CA ASN A 83 5.30 21.80 23.16
C ASN A 83 6.42 20.77 23.38
N ILE A 84 7.30 20.63 22.39
CA ILE A 84 8.47 19.75 22.48
C ILE A 84 9.73 20.52 22.05
N ASN A 85 10.81 20.41 22.82
CA ASN A 85 12.02 21.24 22.58
C ASN A 85 13.23 20.48 22.01
N SER A 86 14.32 21.21 21.80
CA SER A 86 15.59 20.67 21.26
C SER A 86 16.09 19.45 21.96
N ASN A 87 15.81 19.32 23.25
CA ASN A 87 16.29 18.19 24.04
C ASN A 87 15.24 17.08 24.13
N GLY A 88 14.11 17.29 23.45
CA GLY A 88 13.04 16.32 23.46
C GLY A 88 12.18 16.29 24.72
N SER A 89 12.18 17.36 25.50
CA SER A 89 11.26 17.50 26.63
C SER A 89 9.85 17.80 26.13
N ILE A 90 8.85 17.21 26.77
CA ILE A 90 7.47 17.32 26.33
C ILE A 90 6.63 18.01 27.40
N CYS A 91 6.01 19.12 27.05
CA CYS A 91 5.10 19.79 27.95
C CYS A 91 3.74 19.07 27.86
N LEU A 92 3.48 18.21 28.84
CA LEU A 92 2.19 17.51 28.95
C LEU A 92 1.79 17.38 30.41
N ASP A 93 0.57 17.79 30.75
CA ASP A 93 0.09 17.80 32.14
C ASP A 93 0.26 16.45 32.81
N ILE A 94 -0.31 15.41 32.21
CA ILE A 94 -0.30 14.07 32.80
C ILE A 94 1.09 13.49 33.05
N LEU A 95 2.14 14.15 32.60
CA LEU A 95 3.51 13.76 32.97
C LEU A 95 4.05 14.52 34.19
N ARG A 96 3.26 15.43 34.74
CA ARG A 96 3.67 16.23 35.88
C ARG A 96 2.53 16.28 36.91
N SER A 97 1.85 17.42 37.02
CA SER A 97 0.84 17.62 38.06
C SER A 97 -0.39 16.71 37.90
N GLN A 98 -0.76 16.39 36.64
CA GLN A 98 -1.96 15.59 36.39
C GLN A 98 -1.72 14.08 36.33
N TRP A 99 -0.50 13.65 36.64
CA TRP A 99 -0.19 12.22 36.65
C TRP A 99 -1.11 11.45 37.60
N SER A 100 -1.58 10.29 37.14
CA SER A 100 -2.36 9.36 37.96
C SER A 100 -1.88 7.91 37.75
N PRO A 101 -1.92 7.09 38.81
CA PRO A 101 -1.54 5.66 38.67
C PRO A 101 -2.39 4.87 37.68
N ALA A 102 -3.62 5.33 37.47
CA ALA A 102 -4.52 4.72 36.49
C ALA A 102 -4.01 4.81 35.04
N LEU A 103 -3.16 5.79 34.74
CA LEU A 103 -2.56 5.92 33.40
C LEU A 103 -1.45 4.87 33.19
N THR A 104 -1.23 4.50 31.93
CA THR A 104 -0.15 3.61 31.55
C THR A 104 0.74 4.34 30.56
N VAL A 105 1.88 3.75 30.25
CA VAL A 105 2.77 4.33 29.25
C VAL A 105 2.07 4.37 27.88
N SER A 106 1.26 3.36 27.60
CA SER A 106 0.53 3.29 26.33
C SER A 106 -0.48 4.44 26.18
N LYS A 107 -1.18 4.78 27.26
CA LYS A 107 -2.16 5.86 27.23
C LYS A 107 -1.47 7.20 27.10
N VAL A 108 -0.30 7.32 27.72
CA VAL A 108 0.49 8.55 27.64
C VAL A 108 0.99 8.80 26.21
N LEU A 109 1.53 7.77 25.57
CA LEU A 109 1.93 7.87 24.18
C LEU A 109 0.75 8.20 23.27
N LEU A 110 -0.43 7.71 23.64
CA LEU A 110 -1.63 8.06 22.90
C LEU A 110 -1.91 9.55 23.01
N SER A 111 -1.77 10.08 24.22
CA SER A 111 -2.07 11.48 24.48
C SER A 111 -1.03 12.36 23.79
N ILE A 112 0.19 11.86 23.72
CA ILE A 112 1.25 12.57 23.00
C ILE A 112 0.90 12.61 21.52
N CYS A 113 0.36 11.51 20.99
CA CYS A 113 -0.13 11.53 19.59
C CYS A 113 -1.19 12.61 19.40
N SER A 114 -2.08 12.79 20.39
CA SER A 114 -3.09 13.86 20.32
C SER A 114 -2.44 15.23 20.30
N LEU A 115 -1.29 15.33 20.95
CA LEU A 115 -0.58 16.58 21.03
C LEU A 115 0.03 16.95 19.67
N LEU A 116 0.40 15.94 18.88
CA LEU A 116 0.92 16.17 17.54
C LEU A 116 -0.22 16.58 16.60
N CYS A 117 -1.42 16.06 16.83
CA CYS A 117 -2.57 16.43 16.01
C CYS A 117 -3.08 17.81 16.37
N ASP A 118 -3.22 18.08 17.67
CA ASP A 118 -3.77 19.33 18.17
C ASP A 118 -2.82 19.95 19.19
N PRO A 119 -1.78 20.67 18.69
CA PRO A 119 -0.83 21.37 19.57
C PRO A 119 -1.52 22.37 20.50
N ASN A 120 -0.84 22.69 21.61
CA ASN A 120 -1.33 23.66 22.59
C ASN A 120 -0.40 24.87 22.62
N PRO A 121 -0.69 25.90 21.81
CA PRO A 121 0.23 27.04 21.62
C PRO A 121 0.26 28.06 22.78
N ASP A 122 -0.56 27.85 23.81
CA ASP A 122 -0.60 28.72 25.00
C ASP A 122 0.35 28.28 26.12
N ASP A 123 0.83 27.04 26.07
CA ASP A 123 1.86 26.55 27.00
C ASP A 123 3.10 26.09 26.21
N PRO A 124 3.81 27.04 25.56
CA PRO A 124 4.85 26.67 24.61
C PRO A 124 6.23 26.54 25.24
N LEU A 125 6.87 25.38 25.03
CA LEU A 125 8.30 25.24 25.27
C LEU A 125 9.13 25.98 24.22
N VAL A 126 8.60 26.12 23.00
CA VAL A 126 9.31 26.79 21.92
C VAL A 126 8.44 27.94 21.39
N PRO A 127 8.55 29.13 21.99
CA PRO A 127 7.71 30.27 21.61
C PRO A 127 7.71 30.57 20.11
N ASP A 128 8.89 30.50 19.48
CA ASP A 128 9.03 30.72 18.04
C ASP A 128 8.06 29.87 17.23
N ILE A 129 8.05 28.56 17.49
CA ILE A 129 7.19 27.64 16.77
C ILE A 129 5.73 27.92 17.08
N ALA A 130 5.45 28.18 18.37
CA ALA A 130 4.11 28.56 18.82
C ALA A 130 3.59 29.80 18.08
N GLN A 131 4.41 30.85 17.94
CA GLN A 131 3.94 32.03 17.20
C GLN A 131 3.60 31.69 15.75
N ILE A 132 4.41 30.82 15.12
CA ILE A 132 4.12 30.42 13.75
C ILE A 132 2.81 29.62 13.67
N TYR A 133 2.56 28.75 14.64
CA TYR A 133 1.30 28.00 14.67
C TYR A 133 0.13 28.95 14.77
N LYS A 134 0.25 29.96 15.65
CA LYS A 134 -0.81 30.92 15.88
C LYS A 134 -1.09 31.79 14.66
N SER A 135 -0.06 32.32 14.01
CA SER A 135 -0.27 33.34 12.96
C SER A 135 0.03 32.93 11.50
N ASP A 136 0.45 31.68 11.27
CA ASP A 136 0.58 31.14 9.89
C ASP A 136 0.59 29.60 9.93
N LYS A 137 -0.60 29.02 10.06
CA LYS A 137 -0.76 27.56 10.18
C LYS A 137 -0.21 26.81 8.96
N GLU A 138 -0.27 27.44 7.78
CA GLU A 138 0.27 26.82 6.56
C GLU A 138 1.79 26.72 6.58
N LYS A 139 2.47 27.79 7.00
CA LYS A 139 3.91 27.71 7.18
C LYS A 139 4.22 26.61 8.20
N TYR A 140 3.46 26.58 9.29
CA TYR A 140 3.73 25.63 10.37
C TYR A 140 3.70 24.20 9.87
N ASN A 141 2.63 23.87 9.14
CA ASN A 141 2.44 22.54 8.58
C ASN A 141 3.50 22.17 7.57
N ARG A 142 4.05 23.17 6.88
CA ARG A 142 5.09 22.95 5.89
CA ARG A 142 5.10 22.94 5.89
C ARG A 142 6.39 22.55 6.60
N HIS A 143 6.80 23.35 7.57
CA HIS A 143 8.02 23.08 8.33
C HIS A 143 7.93 21.78 9.12
N ALA A 144 6.77 21.49 9.69
CA ALA A 144 6.54 20.22 10.38
C ALA A 144 6.79 19.01 9.45
N ARG A 145 6.15 19.04 8.28
CA ARG A 145 6.39 18.03 7.24
C ARG A 145 7.86 17.97 6.83
N GLU A 146 8.49 19.12 6.62
CA GLU A 146 9.92 19.19 6.27
C GLU A 146 10.81 18.46 7.29
N TRP A 147 10.54 18.69 8.58
CA TRP A 147 11.30 18.08 9.67
C TRP A 147 10.98 16.60 9.82
N THR A 148 9.76 16.22 9.48
CA THR A 148 9.38 14.82 9.49
C THR A 148 10.07 14.06 8.37
N GLN A 149 10.17 14.68 7.19
CA GLN A 149 10.93 14.08 6.09
C GLN A 149 12.42 14.01 6.42
N LYS A 150 12.93 15.03 7.13
CA LYS A 150 14.36 15.16 7.36
C LYS A 150 14.88 14.27 8.48
N TYR A 151 14.09 14.05 9.52
CA TYR A 151 14.59 13.39 10.74
C TYR A 151 13.84 12.13 11.14
N ALA A 152 12.61 11.96 10.67
CA ALA A 152 11.76 10.90 11.21
C ALA A 152 11.34 9.88 10.17
N MET A 153 11.95 9.93 8.99
CA MET A 153 11.73 8.93 7.96
C MET A 153 13.04 8.20 7.61
N SER B 2 0.73 -32.91 -11.20
CA SER B 2 0.26 -33.49 -12.48
C SER B 2 -1.24 -33.26 -12.65
N HIS B 3 -2.05 -33.81 -11.74
CA HIS B 3 -3.51 -33.66 -11.85
C HIS B 3 -4.00 -32.26 -11.49
N MET B 4 -3.46 -31.72 -10.40
CA MET B 4 -3.59 -30.30 -10.05
C MET B 4 -3.18 -29.36 -11.23
N LEU B 5 -2.17 -29.74 -12.01
CA LEU B 5 -1.72 -28.94 -13.16
C LEU B 5 -2.65 -29.08 -14.36
N GLU B 6 -3.14 -30.28 -14.63
CA GLU B 6 -4.11 -30.48 -15.71
C GLU B 6 -5.41 -29.74 -15.39
N MET B 7 -5.88 -29.84 -14.15
CA MET B 7 -7.07 -29.13 -13.69
C MET B 7 -6.93 -27.61 -13.79
N ALA B 8 -5.78 -27.10 -13.34
CA ALA B 8 -5.47 -25.67 -13.45
C ALA B 8 -5.41 -25.24 -14.91
N LEU B 9 -4.69 -26.03 -15.72
CA LEU B 9 -4.56 -25.71 -17.15
C LEU B 9 -5.92 -25.78 -17.86
N LYS B 10 -6.76 -26.71 -17.44
CA LYS B 10 -8.10 -26.83 -18.00
C LYS B 10 -8.92 -25.57 -17.73
N ARG B 11 -8.80 -25.06 -16.52
CA ARG B 11 -9.58 -23.92 -16.04
C ARG B 11 -9.14 -22.61 -16.70
N ILE B 12 -7.84 -22.42 -16.81
CA ILE B 12 -7.32 -21.24 -17.46
C ILE B 12 -7.79 -21.24 -18.92
N GLN B 13 -7.74 -22.41 -19.55
CA GLN B 13 -8.21 -22.57 -20.93
C GLN B 13 -9.68 -22.22 -21.10
N LYS B 14 -10.49 -22.67 -20.14
CA LYS B 14 -11.93 -22.38 -20.16
C LYS B 14 -12.18 -20.86 -20.05
N GLU B 15 -11.45 -20.18 -19.17
CA GLU B 15 -11.60 -18.72 -19.03
C GLU B 15 -11.21 -18.02 -20.32
N LEU B 16 -10.11 -18.45 -20.93
CA LEU B 16 -9.63 -17.85 -22.18
C LEU B 16 -10.64 -18.09 -23.28
N SER B 17 -11.12 -19.32 -23.37
CA SER B 17 -12.12 -19.68 -24.36
C SER B 17 -13.39 -18.83 -24.22
N ASP B 18 -13.77 -18.55 -22.98
CA ASP B 18 -14.93 -17.69 -22.73
C ASP B 18 -14.67 -16.25 -23.17
N LEU B 19 -13.47 -15.73 -22.97
CA LEU B 19 -13.12 -14.36 -23.39
C LEU B 19 -13.18 -14.20 -24.92
N GLN B 20 -12.82 -15.25 -25.63
CA GLN B 20 -12.82 -15.23 -27.09
C GLN B 20 -14.24 -15.35 -27.66
N ARG B 21 -15.09 -16.18 -27.05
CA ARG B 21 -16.49 -16.31 -27.47
C ARG B 21 -17.33 -15.08 -27.13
N ASP B 22 -17.02 -14.42 -26.01
CA ASP B 22 -17.85 -13.33 -25.49
C ASP B 22 -16.98 -12.22 -24.92
N PRO B 23 -16.28 -11.48 -25.79
CA PRO B 23 -15.33 -10.45 -25.35
C PRO B 23 -16.01 -9.37 -24.51
N PRO B 24 -15.44 -9.04 -23.33
CA PRO B 24 -15.97 -8.03 -22.43
C PRO B 24 -15.49 -6.64 -22.79
N ALA B 25 -16.25 -5.63 -22.38
CA ALA B 25 -15.95 -4.21 -22.71
C ALA B 25 -14.95 -3.59 -21.75
N HIS B 26 -14.85 -4.12 -20.53
CA HIS B 26 -14.01 -3.51 -19.49
C HIS B 26 -12.54 -3.89 -19.54
N CYS B 27 -12.21 -4.96 -20.25
CA CYS B 27 -10.82 -5.42 -20.35
C CYS B 27 -10.55 -6.26 -21.59
N SER B 28 -9.27 -6.51 -21.83
CA SER B 28 -8.83 -7.55 -22.76
C SER B 28 -7.64 -8.22 -22.12
N ALA B 29 -7.52 -9.53 -22.30
CA ALA B 29 -6.50 -10.32 -21.65
C ALA B 29 -6.20 -11.59 -22.40
N GLY B 30 -4.96 -12.04 -22.29
CA GLY B 30 -4.58 -13.30 -22.89
C GLY B 30 -3.14 -13.63 -22.56
N PRO B 31 -2.72 -14.88 -22.84
CA PRO B 31 -1.33 -15.30 -22.64
C PRO B 31 -0.31 -14.36 -23.29
N VAL B 32 0.83 -14.20 -22.65
CA VAL B 32 1.94 -13.44 -23.23
C VAL B 32 2.50 -14.18 -24.45
N GLY B 33 2.65 -15.51 -24.34
CA GLY B 33 3.14 -16.33 -25.45
C GLY B 33 2.75 -17.80 -25.34
N ASP B 34 3.76 -18.64 -25.09
CA ASP B 34 3.56 -20.10 -25.00
C ASP B 34 2.86 -20.52 -23.70
N ASP B 35 3.15 -19.78 -22.64
CA ASP B 35 2.82 -20.20 -21.27
C ASP B 35 1.45 -19.72 -20.82
N LEU B 36 0.50 -20.65 -20.70
CA LEU B 36 -0.86 -20.30 -20.26
C LEU B 36 -0.93 -19.74 -18.82
N PHE B 37 0.14 -19.93 -18.04
CA PHE B 37 0.17 -19.42 -16.67
C PHE B 37 0.55 -17.94 -16.57
N HIS B 38 1.01 -17.36 -17.68
CA HIS B 38 1.42 -15.95 -17.67
C HIS B 38 0.64 -15.17 -18.74
N TRP B 39 -0.25 -14.30 -18.28
CA TRP B 39 -1.02 -13.45 -19.17
C TRP B 39 -0.62 -11.99 -19.02
N GLN B 40 -1.09 -11.18 -19.95
CA GLN B 40 -1.14 -9.74 -19.76
C GLN B 40 -2.57 -9.30 -20.01
N ALA B 41 -2.94 -8.17 -19.44
CA ALA B 41 -4.26 -7.62 -19.64
C ALA B 41 -4.22 -6.11 -19.70
N THR B 42 -5.27 -5.52 -20.27
CA THR B 42 -5.43 -4.11 -20.30
C THR B 42 -6.74 -3.80 -19.65
N ILE B 43 -6.77 -2.65 -18.97
CA ILE B 43 -7.97 -2.08 -18.43
C ILE B 43 -8.13 -0.66 -19.02
N MET B 44 -9.36 -0.28 -19.30
CA MET B 44 -9.63 1.07 -19.77
C MET B 44 -9.97 1.95 -18.56
N GLY B 45 -9.42 3.15 -18.52
CA GLY B 45 -9.80 4.12 -17.51
C GLY B 45 -11.31 4.27 -17.59
N PRO B 46 -12.03 3.97 -16.49
CA PRO B 46 -13.49 4.09 -16.52
C PRO B 46 -13.93 5.51 -16.84
N PRO B 47 -14.96 5.66 -17.71
CA PRO B 47 -15.39 6.95 -18.27
C PRO B 47 -15.67 8.05 -17.25
N ASP B 48 -16.29 7.70 -16.14
CA ASP B 48 -16.69 8.69 -15.15
C ASP B 48 -15.52 9.13 -14.26
N SER B 49 -14.50 8.29 -14.16
CA SER B 49 -13.39 8.53 -13.24
C SER B 49 -12.33 9.48 -13.79
N ALA B 50 -11.41 9.86 -12.91
CA ALA B 50 -10.25 10.67 -13.28
C ALA B 50 -9.23 9.93 -14.15
N TYR B 51 -9.48 8.64 -14.42
CA TYR B 51 -8.58 7.84 -15.24
C TYR B 51 -9.06 7.71 -16.68
N GLN B 52 -10.21 8.31 -16.98
CA GLN B 52 -10.79 8.27 -18.32
C GLN B 52 -9.75 8.57 -19.39
N GLY B 53 -9.80 7.80 -20.49
CA GLY B 53 -8.89 7.97 -21.63
C GLY B 53 -7.67 7.07 -21.56
N GLY B 54 -7.26 6.72 -20.35
CA GLY B 54 -6.05 5.94 -20.15
C GLY B 54 -6.26 4.48 -20.38
N VAL B 55 -5.20 3.81 -20.80
CA VAL B 55 -5.17 2.37 -20.97
C VAL B 55 -4.09 1.89 -20.00
N PHE B 56 -4.47 0.97 -19.12
CA PHE B 56 -3.57 0.51 -18.09
C PHE B 56 -3.25 -0.95 -18.28
N PHE B 57 -1.96 -1.29 -18.23
CA PHE B 57 -1.49 -2.64 -18.50
C PHE B 57 -1.20 -3.35 -17.19
N LEU B 58 -1.56 -4.63 -17.14
CA LEU B 58 -1.32 -5.46 -15.96
C LEU B 58 -0.75 -6.80 -16.38
N THR B 59 -0.05 -7.45 -15.44
CA THR B 59 0.40 -8.83 -15.59
C THR B 59 -0.51 -9.71 -14.74
N VAL B 60 -0.70 -10.95 -15.17
CA VAL B 60 -1.45 -11.92 -14.40
C VAL B 60 -0.64 -13.20 -14.37
N HIS B 61 -0.44 -13.72 -13.17
CA HIS B 61 0.37 -14.90 -12.94
C HIS B 61 -0.48 -15.91 -12.18
N PHE B 62 -0.87 -16.99 -12.84
CA PHE B 62 -1.69 -18.01 -12.20
C PHE B 62 -0.81 -18.96 -11.42
N PRO B 63 -1.18 -19.26 -10.15
CA PRO B 63 -0.45 -20.28 -9.40
C PRO B 63 -0.74 -21.68 -9.92
N THR B 64 0.06 -22.65 -9.50
CA THR B 64 -0.08 -24.02 -9.96
C THR B 64 -1.35 -24.72 -9.43
N ASP B 65 -1.86 -24.26 -8.30
CA ASP B 65 -3.09 -24.79 -7.71
C ASP B 65 -4.33 -23.93 -8.05
N TYR B 66 -4.22 -23.09 -9.08
CA TYR B 66 -5.37 -22.32 -9.55
C TYR B 66 -6.47 -23.29 -9.96
N PRO B 67 -7.73 -23.00 -9.60
CA PRO B 67 -8.27 -21.78 -9.01
C PRO B 67 -8.48 -21.82 -7.48
N PHE B 68 -7.79 -22.73 -6.77
CA PHE B 68 -7.90 -22.80 -5.30
C PHE B 68 -7.23 -21.60 -4.64
N LYS B 69 -6.26 -21.02 -5.32
CA LYS B 69 -5.59 -19.82 -4.81
C LYS B 69 -5.62 -18.72 -5.88
N PRO B 70 -5.61 -17.46 -5.44
CA PRO B 70 -5.83 -16.36 -6.38
C PRO B 70 -4.69 -16.17 -7.36
N PRO B 71 -4.94 -15.45 -8.45
CA PRO B 71 -3.84 -15.00 -9.29
C PRO B 71 -3.09 -13.85 -8.63
N LYS B 72 -1.82 -13.70 -9.00
CA LYS B 72 -1.06 -12.50 -8.65
C LYS B 72 -1.21 -11.54 -9.82
N ILE B 73 -1.95 -10.46 -9.58
CA ILE B 73 -2.23 -9.46 -10.59
C ILE B 73 -1.53 -8.19 -10.16
N ALA B 74 -0.91 -7.50 -11.12
CA ALA B 74 -0.11 -6.32 -10.85
C ALA B 74 -0.16 -5.36 -12.03
N PHE B 75 -0.22 -4.06 -11.74
CA PHE B 75 -0.17 -3.03 -12.80
C PHE B 75 1.27 -2.91 -13.28
N THR B 76 1.46 -2.80 -14.59
CA THR B 76 2.76 -2.38 -15.10
C THR B 76 2.77 -0.87 -15.38
N THR B 77 1.62 -0.32 -15.76
CA THR B 77 1.48 1.14 -15.97
C THR B 77 1.42 1.90 -14.64
N LYS B 78 2.01 3.09 -14.62
CA LYS B 78 1.97 3.93 -13.42
C LYS B 78 0.57 4.45 -13.22
N ILE B 79 0.11 4.42 -11.97
CA ILE B 79 -1.19 4.95 -11.61
C ILE B 79 -1.18 5.63 -10.22
N TYR B 80 -1.97 6.70 -10.11
CA TYR B 80 -2.11 7.45 -8.87
C TYR B 80 -3.37 6.98 -8.12
N HIS B 81 -3.17 6.22 -7.06
CA HIS B 81 -4.27 5.52 -6.39
C HIS B 81 -3.81 5.02 -5.01
N PRO B 82 -4.69 5.12 -4.00
CA PRO B 82 -4.25 4.78 -2.64
C PRO B 82 -4.09 3.28 -2.41
N ASN B 83 -4.70 2.48 -3.29
CA ASN B 83 -4.69 1.04 -3.22
C ASN B 83 -3.74 0.34 -4.22
N ILE B 84 -2.93 1.14 -4.94
CA ILE B 84 -1.92 0.60 -5.91
C ILE B 84 -0.60 1.34 -5.76
N ASN B 85 0.49 0.59 -5.60
CA ASN B 85 1.79 1.19 -5.24
C ASN B 85 2.78 1.25 -6.40
N SER B 86 4.00 1.69 -6.11
CA SER B 86 5.05 1.83 -7.11
C SER B 86 5.31 0.58 -7.92
N ASN B 87 5.16 -0.60 -7.30
CA ASN B 87 5.38 -1.88 -7.98
C ASN B 87 4.13 -2.45 -8.62
N GLY B 88 3.05 -1.66 -8.65
CA GLY B 88 1.79 -2.10 -9.22
C GLY B 88 1.01 -3.14 -8.43
N SER B 89 1.43 -3.41 -7.18
CA SER B 89 0.70 -4.34 -6.33
C SER B 89 -0.65 -3.75 -6.03
N ILE B 90 -1.69 -4.58 -5.97
CA ILE B 90 -3.06 -4.10 -5.74
C ILE B 90 -3.62 -4.61 -4.42
N CYS B 91 -4.25 -3.70 -3.67
CA CYS B 91 -4.89 -4.06 -2.42
C CYS B 91 -6.39 -4.26 -2.66
N LEU B 92 -6.78 -5.53 -2.78
CA LEU B 92 -8.14 -5.91 -3.13
C LEU B 92 -8.43 -7.23 -2.43
N ASP B 93 -9.53 -7.29 -1.69
CA ASP B 93 -9.84 -8.44 -0.86
C ASP B 93 -9.86 -9.77 -1.63
N ILE B 94 -10.54 -9.80 -2.76
CA ILE B 94 -10.67 -11.05 -3.54
C ILE B 94 -9.34 -11.52 -4.13
N LEU B 95 -8.30 -10.69 -4.09
CA LEU B 95 -6.93 -11.14 -4.42
C LEU B 95 -6.17 -11.73 -3.22
N ARG B 96 -6.79 -11.79 -2.05
CA ARG B 96 -6.13 -12.33 -0.86
C ARG B 96 -7.05 -13.22 -0.04
N SER B 97 -7.43 -12.77 1.15
CA SER B 97 -8.21 -13.58 2.07
C SER B 97 -9.56 -14.00 1.46
N GLN B 98 -10.16 -13.09 0.68
CA GLN B 98 -11.50 -13.30 0.12
C GLN B 98 -11.51 -13.88 -1.31
N TRP B 99 -10.38 -14.40 -1.78
CA TRP B 99 -10.40 -15.14 -3.04
C TRP B 99 -11.45 -16.26 -2.99
N SER B 100 -12.02 -16.55 -4.15
CA SER B 100 -13.02 -17.60 -4.30
C SER B 100 -12.84 -18.25 -5.66
N PRO B 101 -12.89 -19.59 -5.71
CA PRO B 101 -12.67 -20.31 -6.97
C PRO B 101 -13.65 -19.94 -8.08
N ALA B 102 -14.86 -19.53 -7.71
CA ALA B 102 -15.87 -19.11 -8.70
C ALA B 102 -15.52 -17.81 -9.46
N LEU B 103 -14.51 -17.05 -8.99
CA LEU B 103 -14.11 -15.78 -9.64
C LEU B 103 -13.16 -15.99 -10.81
N THR B 104 -13.48 -15.39 -11.95
CA THR B 104 -12.62 -15.43 -13.13
C THR B 104 -11.73 -14.20 -13.15
N VAL B 105 -10.73 -14.23 -14.00
CA VAL B 105 -9.86 -13.08 -14.16
C VAL B 105 -10.66 -11.88 -14.66
N SER B 106 -11.61 -12.11 -15.56
CA SER B 106 -12.45 -11.03 -16.03
C SER B 106 -13.21 -10.36 -14.89
N LYS B 107 -13.86 -11.17 -14.05
CA LYS B 107 -14.56 -10.64 -12.87
C LYS B 107 -13.61 -9.92 -11.90
N VAL B 108 -12.37 -10.40 -11.80
CA VAL B 108 -11.38 -9.68 -11.02
C VAL B 108 -11.03 -8.33 -11.66
N LEU B 109 -10.82 -8.32 -12.97
CA LEU B 109 -10.53 -7.08 -13.69
C LEU B 109 -11.70 -6.10 -13.64
N LEU B 110 -12.92 -6.62 -13.56
CA LEU B 110 -14.07 -5.74 -13.40
C LEU B 110 -14.09 -5.11 -12.02
N SER B 111 -13.60 -5.83 -11.01
CA SER B 111 -13.51 -5.28 -9.64
C SER B 111 -12.45 -4.22 -9.53
N ILE B 112 -11.39 -4.38 -10.32
CA ILE B 112 -10.31 -3.40 -10.32
C ILE B 112 -10.81 -2.11 -10.95
N CYS B 113 -11.66 -2.22 -11.97
CA CYS B 113 -12.28 -1.03 -12.57
C CYS B 113 -13.10 -0.26 -11.52
N SER B 114 -13.85 -1.00 -10.69
CA SER B 114 -14.63 -0.37 -9.62
C SER B 114 -13.74 0.23 -8.54
N LEU B 115 -12.54 -0.32 -8.37
CA LEU B 115 -11.56 0.25 -7.42
C LEU B 115 -11.01 1.59 -7.91
N LEU B 116 -10.90 1.75 -9.23
CA LEU B 116 -10.49 3.04 -9.77
C LEU B 116 -11.58 4.10 -9.55
N CYS B 117 -12.84 3.73 -9.73
CA CYS B 117 -13.95 4.67 -9.53
C CYS B 117 -14.11 5.04 -8.05
N ASP B 118 -14.25 4.01 -7.21
CA ASP B 118 -14.50 4.16 -5.78
C ASP B 118 -13.32 3.57 -4.99
N PRO B 119 -12.27 4.39 -4.77
CA PRO B 119 -11.12 3.93 -3.99
C PRO B 119 -11.43 3.64 -2.52
N ASN B 120 -10.53 2.91 -1.89
CA ASN B 120 -10.69 2.50 -0.49
C ASN B 120 -9.50 3.00 0.35
N PRO B 121 -9.60 4.23 0.85
CA PRO B 121 -8.46 4.85 1.54
C PRO B 121 -8.25 4.36 2.98
N ASP B 122 -9.16 3.54 3.48
CA ASP B 122 -9.05 2.94 4.82
C ASP B 122 -8.13 1.72 4.85
N ASP B 123 -7.78 1.19 3.67
CA ASP B 123 -6.83 0.08 3.56
C ASP B 123 -5.81 0.38 2.47
N PRO B 124 -5.01 1.46 2.66
CA PRO B 124 -4.17 1.98 1.59
C PRO B 124 -2.81 1.32 1.50
N LEU B 125 -2.28 1.22 0.29
CA LEU B 125 -0.90 0.81 0.07
C LEU B 125 0.00 2.03 0.02
N VAL B 126 -0.58 3.21 -0.22
CA VAL B 126 0.17 4.47 -0.31
C VAL B 126 -0.52 5.51 0.58
N PRO B 127 -0.15 5.57 1.86
CA PRO B 127 -0.78 6.48 2.82
C PRO B 127 -0.86 7.95 2.40
N ASP B 128 0.21 8.52 1.84
CA ASP B 128 0.18 9.90 1.32
C ASP B 128 -1.11 10.09 0.53
N ILE B 129 -1.28 9.26 -0.51
CA ILE B 129 -2.35 9.43 -1.47
C ILE B 129 -3.68 9.15 -0.78
N ALA B 130 -3.71 8.14 0.09
CA ALA B 130 -4.87 7.90 0.95
C ALA B 130 -5.34 9.18 1.63
N GLN B 131 -4.43 9.92 2.26
CA GLN B 131 -4.79 11.16 2.97
C GLN B 131 -5.30 12.25 2.04
N ILE B 132 -4.62 12.42 0.91
CA ILE B 132 -5.03 13.42 -0.07
C ILE B 132 -6.43 13.10 -0.62
N TYR B 133 -6.78 11.82 -0.64
CA TYR B 133 -8.12 11.43 -1.06
C TYR B 133 -9.15 11.80 -0.01
N LYS B 134 -8.81 11.62 1.27
CA LYS B 134 -9.74 11.93 2.37
C LYS B 134 -9.97 13.42 2.57
N SER B 135 -8.89 14.19 2.62
CA SER B 135 -8.99 15.61 2.98
C SER B 135 -9.20 16.54 1.79
N ASP B 136 -8.69 16.18 0.61
CA ASP B 136 -8.71 17.05 -0.57
C ASP B 136 -9.04 16.31 -1.87
N LYS B 137 -10.33 16.01 -2.06
CA LYS B 137 -10.77 15.21 -3.21
C LYS B 137 -10.32 15.79 -4.55
N GLU B 138 -10.45 17.11 -4.70
CA GLU B 138 -10.13 17.78 -5.96
C GLU B 138 -8.64 17.78 -6.24
N LYS B 139 -7.83 17.93 -5.18
CA LYS B 139 -6.38 17.79 -5.33
C LYS B 139 -6.01 16.37 -5.78
N TYR B 140 -6.69 15.38 -5.19
CA TYR B 140 -6.56 13.98 -5.60
C TYR B 140 -6.92 13.80 -7.08
N ASN B 141 -8.09 14.29 -7.48
CA ASN B 141 -8.57 14.12 -8.85
C ASN B 141 -7.60 14.72 -9.88
N ARG B 142 -7.00 15.86 -9.54
CA ARG B 142 -6.08 16.55 -10.43
C ARG B 142 -4.81 15.73 -10.67
N HIS B 143 -4.25 15.16 -9.60
CA HIS B 143 -3.05 14.30 -9.66
C HIS B 143 -3.29 12.97 -10.37
N ALA B 144 -4.48 12.39 -10.19
CA ALA B 144 -4.87 11.20 -10.95
C ALA B 144 -4.88 11.53 -12.44
N ARG B 145 -5.49 12.67 -12.79
CA ARG B 145 -5.62 13.11 -14.19
C ARG B 145 -4.29 13.49 -14.82
N GLU B 146 -3.40 14.09 -14.04
CA GLU B 146 -2.04 14.37 -14.51
C GLU B 146 -1.28 13.09 -14.88
N TRP B 147 -1.31 12.11 -14.00
CA TRP B 147 -0.60 10.83 -14.18
C TRP B 147 -1.18 10.04 -15.34
N THR B 148 -2.48 10.16 -15.56
CA THR B 148 -3.13 9.47 -16.66
C THR B 148 -2.62 10.00 -17.99
N GLN B 149 -2.54 11.33 -18.13
CA GLN B 149 -2.02 11.94 -19.35
C GLN B 149 -0.59 11.49 -19.57
N LYS B 150 0.17 11.44 -18.48
CA LYS B 150 1.63 11.26 -18.53
C LYS B 150 2.06 9.80 -18.81
N TYR B 151 1.40 8.85 -18.15
CA TYR B 151 1.83 7.45 -18.13
C TYR B 151 0.92 6.48 -18.88
N ALA B 152 -0.36 6.82 -18.98
CA ALA B 152 -1.37 5.87 -19.44
C ALA B 152 -1.86 6.14 -20.86
N MET B 153 -1.35 7.18 -21.49
CA MET B 153 -1.78 7.54 -22.83
C MET B 153 -0.66 7.36 -23.84
N MET C 4 8.13 -21.45 14.35
CA MET C 4 7.38 -20.56 15.29
C MET C 4 6.62 -19.49 14.52
N GLN C 5 5.56 -18.95 15.10
CA GLN C 5 4.79 -17.84 14.50
C GLN C 5 5.15 -16.50 15.14
N ILE C 6 5.25 -15.45 14.32
CA ILE C 6 5.24 -14.07 14.82
C ILE C 6 4.20 -13.26 14.06
N PHE C 7 3.79 -12.14 14.65
CA PHE C 7 2.77 -11.29 14.08
C PHE C 7 3.34 -9.93 13.70
N VAL C 8 2.74 -9.30 12.69
CA VAL C 8 3.15 -7.96 12.25
C VAL C 8 1.94 -7.05 12.19
N LYS C 9 1.91 -6.01 13.03
CA LYS C 9 0.83 -5.00 12.99
C LYS C 9 1.13 -3.88 11.99
N THR C 10 0.10 -3.49 11.26
CA THR C 10 0.21 -2.48 10.22
C THR C 10 -0.54 -1.22 10.62
N LEU C 11 -0.36 -0.17 9.83
CA LEU C 11 -0.94 1.14 10.11
C LEU C 11 -2.49 1.11 10.07
N THR C 12 -3.07 0.28 9.21
CA THR C 12 -4.53 0.16 9.13
C THR C 12 -5.14 -0.52 10.35
N GLY C 13 -4.33 -1.30 11.07
CA GLY C 13 -4.81 -2.10 12.22
C GLY C 13 -4.71 -3.59 11.97
N LYS C 14 -4.79 -3.99 10.69
CA LYS C 14 -4.60 -5.38 10.27
C LYS C 14 -3.34 -5.99 10.89
N THR C 15 -3.44 -7.25 11.29
CA THR C 15 -2.30 -8.03 11.72
C THR C 15 -2.00 -9.08 10.66
N ILE C 16 -0.73 -9.20 10.28
CA ILE C 16 -0.27 -10.28 9.39
C ILE C 16 0.33 -11.38 10.27
N THR C 17 0.25 -12.62 9.83
CA THR C 17 0.85 -13.72 10.55
C THR C 17 1.93 -14.37 9.68
N LEU C 18 3.09 -14.64 10.27
CA LEU C 18 4.24 -15.16 9.53
C LEU C 18 4.82 -16.40 10.20
N GLU C 19 5.21 -17.39 9.40
CA GLU C 19 5.94 -18.52 9.93
C GLU C 19 7.43 -18.30 9.71
N VAL C 20 8.20 -18.42 10.80
CA VAL C 20 9.61 -18.08 10.83
C VAL C 20 10.42 -18.95 11.78
N GLU C 21 11.74 -18.82 11.68
CA GLU C 21 12.69 -19.43 12.63
C GLU C 21 13.45 -18.30 13.34
N PRO C 22 14.11 -18.61 14.47
CA PRO C 22 14.95 -17.60 15.13
C PRO C 22 16.14 -17.11 14.29
N SER C 23 16.55 -17.89 13.29
CA SER C 23 17.73 -17.57 12.49
C SER C 23 17.38 -16.71 11.28
N ASP C 24 16.09 -16.51 11.02
CA ASP C 24 15.68 -15.73 9.85
C ASP C 24 16.11 -14.27 10.00
N THR C 25 16.62 -13.73 8.90
CA THR C 25 17.12 -12.37 8.86
C THR C 25 15.94 -11.42 8.62
N ILE C 26 16.14 -10.15 8.91
CA ILE C 26 15.10 -9.16 8.71
C ILE C 26 14.69 -9.10 7.25
N GLU C 27 15.68 -9.20 6.35
CA GLU C 27 15.39 -9.31 4.91
C GLU C 27 14.40 -10.44 4.64
N ASN C 28 14.67 -11.63 5.20
CA ASN C 28 13.80 -12.78 4.97
C ASN C 28 12.35 -12.48 5.37
N VAL C 29 12.19 -11.78 6.49
CA VAL C 29 10.88 -11.37 6.99
C VAL C 29 10.20 -10.33 6.11
N LYS C 30 10.96 -9.40 5.58
CA LYS C 30 10.43 -8.46 4.61
C LYS C 30 9.93 -9.19 3.34
N ALA C 31 10.64 -10.23 2.95
CA ALA C 31 10.23 -11.04 1.78
C ALA C 31 8.89 -11.72 1.99
N LYS C 32 8.64 -12.16 3.23
CA LYS C 32 7.42 -12.88 3.56
C LYS C 32 6.24 -11.91 3.54
N ILE C 33 6.47 -10.73 4.11
CA ILE C 33 5.53 -9.62 4.04
C ILE C 33 5.17 -9.25 2.59
N GLN C 34 6.17 -9.15 1.72
CA GLN C 34 5.92 -8.87 0.30
C GLN C 34 4.98 -9.93 -0.29
N ASP C 35 5.29 -11.21 -0.04
CA ASP C 35 4.44 -12.31 -0.51
C ASP C 35 2.97 -12.13 -0.13
N LYS C 36 2.73 -11.75 1.12
CA LYS C 36 1.37 -11.72 1.64
C LYS C 36 0.61 -10.43 1.31
N GLU C 37 1.32 -9.30 1.21
CA GLU C 37 0.69 -7.97 1.11
C GLU C 37 1.13 -7.13 -0.09
N GLY C 38 2.22 -7.52 -0.75
CA GLY C 38 2.69 -6.83 -1.94
C GLY C 38 3.44 -5.53 -1.69
N ILE C 39 3.89 -5.32 -0.46
CA ILE C 39 4.70 -4.16 -0.13
C ILE C 39 6.15 -4.51 -0.35
N PRO C 40 6.88 -3.71 -1.15
CA PRO C 40 8.28 -3.98 -1.45
C PRO C 40 9.17 -3.88 -0.21
N PRO C 41 10.20 -4.74 -0.10
CA PRO C 41 11.07 -4.66 1.07
C PRO C 41 11.72 -3.31 1.29
N ASP C 42 12.15 -2.64 0.22
CA ASP C 42 12.79 -1.33 0.33
C ASP C 42 11.88 -0.24 0.90
N GLN C 43 10.56 -0.44 0.85
CA GLN C 43 9.60 0.48 1.48
C GLN C 43 9.29 0.15 2.95
N GLN C 44 9.63 -1.05 3.41
CA GLN C 44 9.23 -1.47 4.73
C GLN C 44 10.19 -1.03 5.86
N ARG C 45 9.63 -0.49 6.94
CA ARG C 45 10.34 -0.28 8.20
C ARG C 45 9.68 -1.13 9.26
N LEU C 46 10.44 -2.03 9.85
CA LEU C 46 9.93 -2.89 10.89
C LEU C 46 10.40 -2.40 12.25
N ILE C 47 9.54 -2.50 13.27
CA ILE C 47 9.91 -2.09 14.64
C ILE C 47 9.48 -3.16 15.61
N PHE C 48 10.34 -3.46 16.59
CA PHE C 48 9.97 -4.37 17.67
C PHE C 48 10.17 -3.70 19.02
N ALA C 49 9.13 -3.71 19.85
CA ALA C 49 9.15 -3.07 21.17
C ALA C 49 10.11 -1.87 21.27
N GLY C 50 9.92 -0.90 20.36
CA GLY C 50 10.62 0.39 20.41
C GLY C 50 11.90 0.47 19.59
N LYS C 51 12.38 -0.68 19.12
CA LYS C 51 13.66 -0.76 18.44
C LYS C 51 13.46 -0.90 16.92
N GLN C 52 14.29 -0.18 16.17
CA GLN C 52 14.33 -0.26 14.70
C GLN C 52 15.07 -1.52 14.25
N LEU C 53 14.40 -2.40 13.51
CA LEU C 53 15.03 -3.62 13.00
C LEU C 53 15.78 -3.38 11.68
N GLU C 54 17.07 -3.70 11.66
CA GLU C 54 17.93 -3.46 10.49
C GLU C 54 18.24 -4.73 9.71
N ASP C 55 18.61 -4.57 8.44
CA ASP C 55 18.92 -5.68 7.56
C ASP C 55 20.21 -6.36 7.99
N GLY C 56 20.29 -7.67 7.82
CA GLY C 56 21.50 -8.41 8.08
C GLY C 56 21.56 -9.04 9.45
N ARG C 57 20.60 -8.71 10.31
CA ARG C 57 20.53 -9.22 11.68
C ARG C 57 19.38 -10.19 11.78
N THR C 58 19.44 -11.10 12.76
CA THR C 58 18.42 -12.14 12.90
C THR C 58 17.37 -11.76 13.92
N LEU C 59 16.22 -12.44 13.83
CA LEU C 59 15.21 -12.36 14.87
C LEU C 59 15.82 -12.66 16.23
N SER C 60 16.67 -13.68 16.31
CA SER C 60 17.31 -14.05 17.57
C SER C 60 18.18 -12.92 18.14
N ASP C 61 18.88 -12.20 17.24
CA ASP C 61 19.69 -11.04 17.64
C ASP C 61 18.87 -9.94 18.33
N TYR C 62 17.61 -9.81 17.96
CA TYR C 62 16.71 -8.84 18.58
C TYR C 62 15.83 -9.45 19.66
N ASN C 63 16.03 -10.73 19.98
CA ASN C 63 15.27 -11.41 21.02
C ASN C 63 13.75 -11.38 20.74
N ILE C 64 13.39 -11.58 19.47
CA ILE C 64 12.00 -11.77 19.08
C ILE C 64 11.72 -13.23 19.31
N GLN C 65 10.55 -13.52 19.88
CA GLN C 65 10.24 -14.86 20.37
C GLN C 65 8.90 -15.35 19.84
N LYS C 66 8.62 -16.63 20.08
CA LYS C 66 7.34 -17.22 19.74
C LYS C 66 6.25 -16.21 20.07
N GLU C 67 5.41 -15.90 19.08
CA GLU C 67 4.22 -15.05 19.23
C GLU C 67 4.46 -13.54 19.47
N SER C 68 5.72 -13.09 19.33
CA SER C 68 6.06 -11.66 19.38
C SER C 68 5.36 -10.89 18.25
N THR C 69 5.22 -9.58 18.43
CA THR C 69 4.51 -8.74 17.48
C THR C 69 5.35 -7.55 17.05
N LEU C 70 5.69 -7.49 15.77
CA LEU C 70 6.41 -6.35 15.23
C LEU C 70 5.38 -5.35 14.68
N HIS C 71 5.83 -4.13 14.41
CA HIS C 71 5.02 -3.09 13.76
C HIS C 71 5.64 -2.76 12.41
N LEU C 72 4.82 -2.59 11.39
CA LEU C 72 5.30 -2.24 10.05
C LEU C 72 4.87 -0.83 9.65
N VAL C 73 5.84 -0.03 9.22
CA VAL C 73 5.62 1.31 8.69
C VAL C 73 6.18 1.36 7.26
N LEU C 74 5.71 2.30 6.46
CA LEU C 74 6.23 2.50 5.10
C LEU C 74 7.08 3.76 5.01
N ARG C 75 8.10 3.74 4.15
CA ARG C 75 8.86 4.95 3.77
C ARG C 75 8.08 5.65 2.67
N LEU C 76 8.32 6.94 2.51
CA LEU C 76 7.61 7.73 1.50
C LEU C 76 8.53 8.76 0.87
N HIS D 3 -8.24 -13.75 -46.55
CA HIS D 3 -9.00 -15.02 -46.38
C HIS D 3 -9.54 -15.27 -44.97
N MET D 4 -9.55 -14.25 -44.13
CA MET D 4 -10.17 -14.37 -42.81
C MET D 4 -10.83 -13.08 -42.35
N GLN D 5 -11.79 -13.20 -41.45
CA GLN D 5 -12.46 -12.07 -40.83
C GLN D 5 -11.97 -11.87 -39.41
N ILE D 6 -11.80 -10.61 -39.00
CA ILE D 6 -11.60 -10.27 -37.58
C ILE D 6 -12.62 -9.22 -37.16
N PHE D 7 -12.77 -9.06 -35.85
CA PHE D 7 -13.76 -8.16 -35.29
C PHE D 7 -13.06 -7.12 -34.42
N VAL D 8 -13.55 -5.88 -34.44
CA VAL D 8 -12.98 -4.78 -33.67
C VAL D 8 -14.08 -4.16 -32.83
N LYS D 9 -13.93 -4.25 -31.50
CA LYS D 9 -14.92 -3.69 -30.56
C LYS D 9 -14.53 -2.24 -30.18
N THR D 10 -15.49 -1.33 -30.23
CA THR D 10 -15.21 0.10 -29.99
C THR D 10 -15.70 0.56 -28.62
N LEU D 11 -15.41 1.82 -28.30
CA LEU D 11 -15.85 2.39 -27.01
C LEU D 11 -17.37 2.50 -26.92
N THR D 12 -18.04 2.58 -28.08
CA THR D 12 -19.50 2.70 -28.13
C THR D 12 -20.22 1.35 -28.04
N GLY D 13 -19.47 0.24 -28.14
CA GLY D 13 -20.04 -1.10 -28.08
C GLY D 13 -20.18 -1.72 -29.45
N LYS D 14 -20.31 -0.85 -30.45
CA LYS D 14 -20.35 -1.28 -31.84
C LYS D 14 -19.15 -2.19 -32.17
N THR D 15 -19.41 -3.27 -32.90
CA THR D 15 -18.38 -4.19 -33.38
C THR D 15 -18.22 -4.01 -34.89
N ILE D 16 -17.00 -3.74 -35.31
CA ILE D 16 -16.69 -3.55 -36.73
C ILE D 16 -16.17 -4.89 -37.25
N THR D 17 -16.51 -5.19 -38.51
CA THR D 17 -16.06 -6.43 -39.15
C THR D 17 -15.11 -6.09 -40.29
N LEU D 18 -14.03 -6.85 -40.38
CA LEU D 18 -12.96 -6.54 -41.33
C LEU D 18 -12.50 -7.81 -42.05
N GLU D 19 -12.34 -7.72 -43.37
CA GLU D 19 -11.70 -8.79 -44.12
C GLU D 19 -10.22 -8.49 -44.17
N VAL D 20 -9.41 -9.43 -43.70
CA VAL D 20 -7.99 -9.22 -43.48
C VAL D 20 -7.19 -10.47 -43.80
N GLU D 21 -5.90 -10.29 -44.03
CA GLU D 21 -4.97 -11.40 -44.16
C GLU D 21 -3.97 -11.39 -43.01
N PRO D 22 -3.46 -12.57 -42.62
CA PRO D 22 -2.41 -12.64 -41.59
C PRO D 22 -1.25 -11.69 -41.87
N SER D 23 -0.91 -11.52 -43.14
CA SER D 23 0.21 -10.68 -43.54
C SER D 23 -0.10 -9.17 -43.58
N ASP D 24 -1.32 -8.76 -43.24
CA ASP D 24 -1.65 -7.33 -43.23
C ASP D 24 -0.97 -6.64 -42.05
N THR D 25 -0.43 -5.44 -42.30
CA THR D 25 0.25 -4.66 -41.26
C THR D 25 -0.79 -3.95 -40.42
N ILE D 26 -0.47 -3.67 -39.16
CA ILE D 26 -1.39 -2.95 -38.28
C ILE D 26 -1.88 -1.66 -38.97
N GLU D 27 -0.99 -0.98 -39.69
CA GLU D 27 -1.37 0.23 -40.44
C GLU D 27 -2.43 -0.06 -41.49
N ASN D 28 -2.33 -1.20 -42.17
CA ASN D 28 -3.37 -1.61 -43.13
C ASN D 28 -4.72 -1.72 -42.40
N VAL D 29 -4.71 -2.35 -41.22
CA VAL D 29 -5.92 -2.52 -40.41
C VAL D 29 -6.51 -1.16 -40.02
N LYS D 30 -5.67 -0.27 -39.49
CA LYS D 30 -6.12 1.10 -39.16
C LYS D 30 -6.73 1.80 -40.38
N ALA D 31 -6.16 1.58 -41.56
CA ALA D 31 -6.67 2.19 -42.80
C ALA D 31 -8.09 1.71 -43.10
N LYS D 32 -8.32 0.42 -42.87
CA LYS D 32 -9.63 -0.17 -43.08
C LYS D 32 -10.65 0.39 -42.08
N ILE D 33 -10.23 0.55 -40.83
CA ILE D 33 -11.10 1.13 -39.79
C ILE D 33 -11.44 2.57 -40.13
N GLN D 34 -10.48 3.29 -40.70
CA GLN D 34 -10.71 4.66 -41.17
C GLN D 34 -11.66 4.69 -42.36
N ASP D 35 -11.60 3.70 -43.24
CA ASP D 35 -12.56 3.57 -44.34
C ASP D 35 -14.00 3.42 -43.84
N LYS D 36 -14.21 2.53 -42.88
CA LYS D 36 -15.54 2.20 -42.40
C LYS D 36 -16.10 3.21 -41.38
N GLU D 37 -15.22 3.80 -40.56
CA GLU D 37 -15.67 4.66 -39.44
C GLU D 37 -15.13 6.10 -39.45
N GLY D 38 -14.18 6.39 -40.34
CA GLY D 38 -13.66 7.75 -40.49
C GLY D 38 -12.76 8.21 -39.37
N ILE D 39 -12.20 7.26 -38.63
CA ILE D 39 -11.33 7.58 -37.48
C ILE D 39 -9.88 7.67 -37.96
N PRO D 40 -9.24 8.84 -37.78
CA PRO D 40 -7.85 8.97 -38.23
C PRO D 40 -6.94 7.92 -37.59
N PRO D 41 -6.08 7.26 -38.40
CA PRO D 41 -5.13 6.22 -37.94
C PRO D 41 -4.28 6.60 -36.74
N ASP D 42 -3.75 7.81 -36.75
CA ASP D 42 -2.88 8.28 -35.67
C ASP D 42 -3.59 8.35 -34.30
N GLN D 43 -4.92 8.44 -34.29
CA GLN D 43 -5.70 8.45 -33.04
C GLN D 43 -6.17 7.04 -32.62
N GLN D 44 -5.85 6.03 -33.42
CA GLN D 44 -6.30 4.66 -33.13
C GLN D 44 -5.30 3.90 -32.27
N ARG D 45 -5.77 3.32 -31.16
CA ARG D 45 -5.01 2.33 -30.39
C ARG D 45 -5.70 0.96 -30.46
N LEU D 46 -5.03 -0.02 -31.05
CA LEU D 46 -5.57 -1.38 -31.15
C LEU D 46 -4.90 -2.29 -30.12
N ILE D 47 -5.74 -3.03 -29.39
CA ILE D 47 -5.26 -3.95 -28.37
C ILE D 47 -5.84 -5.34 -28.64
N PHE D 48 -5.00 -6.36 -28.52
CA PHE D 48 -5.43 -7.75 -28.65
C PHE D 48 -4.96 -8.52 -27.43
N ALA D 49 -5.90 -9.14 -26.73
CA ALA D 49 -5.61 -10.00 -25.57
C ALA D 49 -4.51 -9.41 -24.67
N GLY D 50 -4.66 -8.13 -24.34
CA GLY D 50 -3.75 -7.46 -23.43
C GLY D 50 -2.43 -6.97 -24.04
N LYS D 51 -2.26 -7.16 -25.34
CA LYS D 51 -1.11 -6.61 -26.05
C LYS D 51 -1.47 -5.37 -26.84
N GLN D 52 -0.53 -4.44 -26.89
CA GLN D 52 -0.64 -3.24 -27.69
C GLN D 52 -0.14 -3.57 -29.11
N LEU D 53 -0.96 -3.31 -30.12
CA LEU D 53 -0.57 -3.54 -31.50
C LEU D 53 0.17 -2.34 -32.12
N GLU D 54 1.47 -2.49 -32.34
CA GLU D 54 2.31 -1.42 -32.90
C GLU D 54 2.44 -1.50 -34.43
N ASP D 55 2.70 -0.36 -35.06
CA ASP D 55 2.77 -0.28 -36.52
C ASP D 55 3.96 -1.06 -37.06
N GLY D 56 3.82 -1.57 -38.28
CA GLY D 56 4.92 -2.21 -38.99
C GLY D 56 5.05 -3.70 -38.72
N ARG D 57 4.28 -4.20 -37.77
CA ARG D 57 4.22 -5.63 -37.46
C ARG D 57 2.95 -6.15 -38.13
N THR D 58 2.84 -7.47 -38.27
CA THR D 58 1.68 -8.07 -38.95
C THR D 58 0.70 -8.68 -37.95
N LEU D 59 -0.50 -9.01 -38.43
CA LEU D 59 -1.51 -9.66 -37.58
C LEU D 59 -1.00 -11.01 -37.14
N SER D 60 -0.26 -11.67 -38.03
CA SER D 60 0.38 -12.94 -37.71
C SER D 60 1.41 -12.81 -36.60
N ASP D 61 2.20 -11.74 -36.65
CA ASP D 61 3.21 -11.47 -35.62
C ASP D 61 2.58 -11.53 -34.23
N TYR D 62 1.34 -11.08 -34.09
CA TYR D 62 0.62 -11.09 -32.81
C TYR D 62 -0.27 -12.33 -32.64
N ASN D 63 -0.19 -13.26 -33.59
CA ASN D 63 -0.93 -14.54 -33.53
C ASN D 63 -2.45 -14.34 -33.58
N ILE D 64 -2.88 -13.37 -34.38
CA ILE D 64 -4.30 -13.09 -34.57
C ILE D 64 -4.84 -14.00 -35.66
N GLN D 65 -5.97 -14.64 -35.38
CA GLN D 65 -6.53 -15.64 -36.28
C GLN D 65 -7.97 -15.35 -36.65
N LYS D 66 -8.49 -16.15 -37.56
CA LYS D 66 -9.88 -16.07 -37.98
C LYS D 66 -10.76 -15.86 -36.77
N GLU D 67 -11.60 -14.82 -36.83
CA GLU D 67 -12.61 -14.51 -35.82
C GLU D 67 -12.06 -14.05 -34.44
N SER D 68 -10.80 -13.62 -34.40
CA SER D 68 -10.27 -12.94 -33.22
C SER D 68 -10.87 -11.53 -33.11
N THR D 69 -10.86 -10.99 -31.89
CA THR D 69 -11.48 -9.72 -31.60
C THR D 69 -10.42 -8.79 -30.98
N LEU D 70 -10.21 -7.64 -31.62
CA LEU D 70 -9.36 -6.61 -31.10
C LEU D 70 -10.23 -5.56 -30.46
N HIS D 71 -9.65 -4.77 -29.55
CA HIS D 71 -10.36 -3.65 -28.93
C HIS D 71 -9.74 -2.38 -29.48
N LEU D 72 -10.58 -1.41 -29.85
CA LEU D 72 -10.10 -0.10 -30.30
C LEU D 72 -10.39 0.99 -29.27
N VAL D 73 -9.34 1.73 -28.93
CA VAL D 73 -9.42 2.87 -28.03
C VAL D 73 -8.80 4.07 -28.75
N LEU D 74 -8.98 5.29 -28.24
CA LEU D 74 -8.43 6.47 -28.92
C LEU D 74 -7.33 7.16 -28.12
N ARG D 75 -6.45 7.88 -28.85
CA ARG D 75 -5.52 8.86 -28.27
C ARG D 75 -6.08 10.26 -28.42
N LEU D 76 -5.72 11.15 -27.50
CA LEU D 76 -6.30 12.49 -27.45
C LEU D 76 -5.28 13.51 -26.95
#